data_2QKD
#
_entry.id   2QKD
#
_cell.length_a   55.656
_cell.length_b   142.597
_cell.length_c   67.219
_cell.angle_alpha   90.00
_cell.angle_beta   114.05
_cell.angle_gamma   90.00
#
_symmetry.space_group_name_H-M   'C 1 2 1'
#
loop_
_entity.id
_entity.type
_entity.pdbx_description
1 polymer 'Zinc finger protein ZPR1'
2 non-polymer 'ZINC ION'
3 non-polymer 'FORMIC ACID'
4 water water
#
_entity_poly.entity_id   1
_entity_poly.type   'polypeptide(L)'
_entity_poly.pdbx_seq_one_letter_code
;MGHHHHHHGSIESLCMNCYRNGTTRLLLTKIPFFREIIVSSFSCEHCGWNNTEIQSAGRIQDQGVRYTLTVRSQEDMNRE
VVKTDSATTRIPELDFEIPAFSQKGALTTVEGLISRAISGLEQDQPTRRAVEGAIAERIDEFIGKLKDLKQMASPFTLVI
DDPSGNSFVENPHAPQKDNALVITYYDRTPQQAEMLGLQAEAPEEKAEEEDLRNEVLQFNTNCPECNAPAQTNMKLVQIP
HFKEVIIMATNCENCGHRTNEVKSGGAVEPLGTRITLHITDPSDMTRDLLKSETCSVEIPELEFELGMAVLGGKFTTLEG
LLKDIRELVTKNPFTLGDSSNPDQSEKLQEFSQKLGQIIEGKMKAHFIMNDPAGNSYLQNVYAPEDDPEMKVERYKRTFD
QNEE
;
_entity_poly.pdbx_strand_id   A
#
# COMPACT_ATOMS: atom_id res chain seq x y z
N ILE A 11 9.47 14.45 -21.10
CA ILE A 11 8.86 13.97 -22.37
C ILE A 11 8.81 15.14 -23.37
N GLU A 12 9.46 14.96 -24.50
CA GLU A 12 9.43 15.93 -25.59
C GLU A 12 8.19 15.75 -26.47
N SER A 13 7.43 16.84 -26.60
CA SER A 13 6.19 16.83 -27.36
C SER A 13 6.14 18.06 -28.23
N LEU A 14 5.52 17.93 -29.40
CA LEU A 14 5.36 19.03 -30.33
C LEU A 14 4.48 20.14 -29.75
N CYS A 15 4.93 21.39 -29.83
CA CYS A 15 4.10 22.54 -29.47
C CYS A 15 3.13 22.88 -30.60
N MET A 16 1.83 22.93 -30.30
CA MET A 16 0.86 23.22 -31.34
C MET A 16 0.80 24.71 -31.67
N ASN A 17 1.42 25.55 -30.85
CA ASN A 17 1.41 27.00 -31.03
C ASN A 17 2.58 27.52 -31.87
N CYS A 18 3.68 26.78 -31.94
CA CYS A 18 4.88 27.27 -32.65
C CYS A 18 5.65 26.16 -33.39
N TYR A 19 5.28 24.91 -33.13
CA TYR A 19 5.85 23.71 -33.78
C TYR A 19 7.32 23.42 -33.46
N ARG A 20 7.83 24.01 -32.39
CA ARG A 20 9.03 23.51 -31.73
C ARG A 20 8.64 22.34 -30.83
N ASN A 21 9.62 21.72 -30.16
CA ASN A 21 9.33 20.72 -29.14
C ASN A 21 9.34 21.37 -27.76
N GLY A 22 8.26 21.15 -27.02
CA GLY A 22 8.18 21.57 -25.62
C GLY A 22 8.24 20.37 -24.70
N THR A 23 7.74 20.54 -23.48
CA THR A 23 7.82 19.51 -22.44
C THR A 23 6.43 19.12 -21.91
N THR A 24 6.19 17.82 -21.78
CA THR A 24 4.96 17.30 -21.16
C THR A 24 5.30 16.61 -19.83
N ARG A 25 4.66 17.06 -18.75
CA ARG A 25 4.72 16.37 -17.47
C ARG A 25 3.45 15.55 -17.30
N LEU A 26 3.61 14.31 -16.84
CA LEU A 26 2.49 13.41 -16.61
C LEU A 26 2.27 13.21 -15.11
N LEU A 27 1.10 13.60 -14.62
CA LEU A 27 0.78 13.48 -13.20
C LEU A 27 -0.30 12.44 -13.05
N LEU A 28 0.05 11.32 -12.40
CA LEU A 28 -0.85 10.17 -12.30
C LEU A 28 -1.44 10.04 -10.90
N THR A 29 -2.75 9.77 -10.85
CA THR A 29 -3.47 9.60 -9.60
C THR A 29 -4.27 8.31 -9.62
N LYS A 30 -4.04 7.46 -8.63
CA LYS A 30 -4.84 6.25 -8.50
C LYS A 30 -6.21 6.60 -7.94
N ILE A 31 -7.25 6.05 -8.57
CA ILE A 31 -8.59 6.14 -8.00
C ILE A 31 -9.17 4.74 -7.76
N PRO A 32 -10.17 4.63 -6.86
CA PRO A 32 -10.69 3.30 -6.52
C PRO A 32 -11.21 2.52 -7.71
N PHE A 33 -11.10 1.19 -7.60
CA PHE A 33 -11.66 0.25 -8.57
C PHE A 33 -10.96 0.32 -9.91
N PHE A 34 -9.64 0.15 -9.85
CA PHE A 34 -8.80 -0.12 -11.02
C PHE A 34 -8.88 0.98 -12.07
N ARG A 35 -8.80 2.23 -11.61
CA ARG A 35 -8.83 3.36 -12.54
C ARG A 35 -7.70 4.31 -12.19
N GLU A 36 -7.33 5.14 -13.16
CA GLU A 36 -6.23 6.07 -13.01
C GLU A 36 -6.63 7.37 -13.71
N ILE A 37 -6.29 8.51 -13.13
CA ILE A 37 -6.42 9.81 -13.83
C ILE A 37 -5.02 10.19 -14.30
N ILE A 38 -4.90 10.56 -15.58
CA ILE A 38 -3.65 11.05 -16.14
C ILE A 38 -3.84 12.52 -16.51
N VAL A 39 -3.09 13.38 -15.85
CA VAL A 39 -3.01 14.79 -16.22
C VAL A 39 -1.76 14.99 -17.08
N SER A 40 -1.95 15.39 -18.34
CA SER A 40 -0.83 15.72 -19.22
C SER A 40 -0.70 17.22 -19.30
N SER A 41 0.34 17.76 -18.68
CA SER A 41 0.57 19.18 -18.61
C SER A 41 1.69 19.55 -19.59
N PHE A 42 1.30 20.20 -20.69
CA PHE A 42 2.27 20.67 -21.70
C PHE A 42 2.72 22.11 -21.46
N SER A 43 4.02 22.36 -21.68
CA SER A 43 4.50 23.74 -21.73
C SER A 43 5.64 23.94 -22.74
N CYS A 44 5.67 25.11 -23.35
CA CYS A 44 6.72 25.49 -24.31
C CYS A 44 7.44 26.73 -23.79
N GLU A 45 8.71 26.57 -23.43
CA GLU A 45 9.52 27.68 -22.97
C GLU A 45 9.73 28.75 -24.06
N HIS A 46 9.69 28.35 -25.34
CA HIS A 46 10.00 29.29 -26.44
C HIS A 46 8.89 30.30 -26.71
N CYS A 47 7.67 29.80 -26.93
CA CYS A 47 6.52 30.66 -27.22
C CYS A 47 5.60 30.88 -26.03
N GLY A 48 5.85 30.17 -24.93
CA GLY A 48 5.07 30.38 -23.69
C GLY A 48 3.72 29.66 -23.65
N TRP A 49 3.39 28.94 -24.71
CA TRP A 49 2.12 28.25 -24.77
C TRP A 49 2.06 27.12 -23.75
N ASN A 50 0.85 26.85 -23.29
CA ASN A 50 0.63 25.82 -22.28
C ASN A 50 -0.78 25.28 -22.42
N ASN A 51 -0.93 23.99 -22.10
CA ASN A 51 -2.18 23.26 -22.29
C ASN A 51 -2.16 22.11 -21.31
N THR A 52 -3.34 21.66 -20.89
CA THR A 52 -3.46 20.49 -20.02
C THR A 52 -4.62 19.66 -20.50
N GLU A 53 -4.42 18.34 -20.57
CA GLU A 53 -5.50 17.40 -20.81
C GLU A 53 -5.63 16.47 -19.58
N ILE A 54 -6.88 16.20 -19.20
CA ILE A 54 -7.16 15.25 -18.11
C ILE A 54 -7.91 14.06 -18.72
N GLN A 55 -7.35 12.85 -18.54
CA GLN A 55 -7.88 11.60 -19.08
C GLN A 55 -8.10 10.60 -17.93
N SER A 56 -9.18 9.81 -17.99
CA SER A 56 -9.31 8.71 -17.05
C SER A 56 -9.16 7.37 -17.76
N ALA A 57 -8.38 6.48 -17.14
CA ALA A 57 -8.04 5.18 -17.74
C ALA A 57 -8.41 4.05 -16.79
N GLY A 58 -8.83 2.92 -17.33
CA GLY A 58 -8.96 1.69 -16.56
C GLY A 58 -7.62 0.99 -16.53
N ARG A 59 -7.32 0.32 -15.41
CA ARG A 59 -6.13 -0.54 -15.27
C ARG A 59 -6.22 -1.81 -16.11
N ILE A 60 -7.43 -2.25 -16.37
CA ILE A 60 -7.65 -3.54 -17.04
C ILE A 60 -8.56 -3.30 -18.23
N GLN A 61 -8.21 -3.86 -19.38
CA GLN A 61 -9.04 -3.68 -20.57
C GLN A 61 -10.30 -4.55 -20.46
N ASP A 62 -11.31 -4.24 -21.28
CA ASP A 62 -12.54 -5.06 -21.31
C ASP A 62 -12.23 -6.52 -21.65
N GLN A 63 -11.22 -6.70 -22.50
CA GLN A 63 -10.89 -7.99 -23.07
C GLN A 63 -9.37 -8.24 -23.02
N GLY A 64 -8.99 -9.51 -22.94
CA GLY A 64 -7.61 -9.92 -23.14
C GLY A 64 -7.18 -9.72 -24.57
N VAL A 65 -5.87 -9.72 -24.79
CA VAL A 65 -5.32 -9.45 -26.12
C VAL A 65 -4.28 -10.50 -26.44
N ARG A 66 -4.14 -10.79 -27.72
CA ARG A 66 -3.15 -11.75 -28.17
C ARG A 66 -2.57 -11.21 -29.45
N TYR A 67 -1.26 -11.03 -29.46
CA TYR A 67 -0.51 -10.58 -30.61
C TYR A 67 0.22 -11.77 -31.20
N THR A 68 -0.01 -12.04 -32.47
CA THR A 68 0.68 -13.15 -33.13
C THR A 68 1.45 -12.54 -34.28
N LEU A 69 2.75 -12.34 -34.06
CA LEU A 69 3.60 -11.62 -35.00
C LEU A 69 4.46 -12.62 -35.79
N THR A 70 4.38 -12.55 -37.12
CA THR A 70 5.33 -13.25 -37.97
C THR A 70 6.48 -12.31 -38.25
N VAL A 71 7.65 -12.67 -37.73
CA VAL A 71 8.87 -11.86 -37.85
C VAL A 71 9.63 -12.31 -39.11
N ARG A 72 9.89 -11.36 -40.01
CA ARG A 72 10.56 -11.62 -41.29
C ARG A 72 11.77 -10.73 -41.52
N SER A 73 11.73 -9.51 -40.99
CA SER A 73 12.75 -8.52 -41.27
C SER A 73 13.31 -7.86 -40.02
N GLN A 74 14.37 -7.07 -40.20
CA GLN A 74 14.94 -6.27 -39.12
C GLN A 74 13.89 -5.27 -38.63
N GLU A 75 13.09 -4.76 -39.58
CA GLU A 75 11.98 -3.88 -39.23
C GLU A 75 11.09 -4.49 -38.13
N ASP A 76 10.76 -5.77 -38.28
CA ASP A 76 9.95 -6.48 -37.29
C ASP A 76 10.69 -6.64 -35.98
N MET A 77 12.00 -6.85 -36.06
CA MET A 77 12.83 -7.04 -34.88
C MET A 77 12.90 -5.74 -34.07
N ASN A 78 12.81 -4.61 -34.77
CA ASN A 78 12.96 -3.30 -34.18
C ASN A 78 11.64 -2.77 -33.57
N ARG A 79 10.55 -3.50 -33.78
CA ARG A 79 9.24 -3.11 -33.24
C ARG A 79 9.29 -2.99 -31.74
N GLU A 80 8.81 -1.86 -31.22
CA GLU A 80 8.69 -1.67 -29.78
C GLU A 80 7.64 -2.62 -29.22
N VAL A 81 7.88 -3.12 -28.02
CA VAL A 81 7.00 -4.06 -27.36
C VAL A 81 6.84 -3.55 -25.93
N VAL A 82 5.58 -3.42 -25.48
CA VAL A 82 5.29 -3.21 -24.05
C VAL A 82 4.72 -4.51 -23.55
N LYS A 83 5.41 -5.14 -22.62
CA LYS A 83 4.96 -6.42 -22.11
C LYS A 83 4.66 -6.29 -20.63
N THR A 84 3.38 -6.40 -20.30
CA THR A 84 2.91 -6.38 -18.93
C THR A 84 3.35 -7.65 -18.22
N ASP A 85 3.45 -7.61 -16.89
CA ASP A 85 3.78 -8.80 -16.09
C ASP A 85 2.82 -10.00 -16.28
N SER A 86 1.56 -9.73 -16.61
CA SER A 86 0.56 -10.77 -16.81
C SER A 86 0.60 -11.50 -18.18
N ALA A 87 1.42 -10.99 -19.10
CA ALA A 87 1.57 -11.55 -20.43
C ALA A 87 2.44 -12.82 -20.48
N THR A 88 2.00 -13.78 -21.28
CA THR A 88 2.81 -14.94 -21.65
C THR A 88 3.46 -14.67 -23.01
N THR A 89 4.72 -15.06 -23.18
CA THR A 89 5.37 -14.99 -24.49
C THR A 89 5.73 -16.39 -24.94
N ARG A 90 5.49 -16.69 -26.20
CA ARG A 90 5.95 -17.95 -26.80
C ARG A 90 6.59 -17.71 -28.16
N ILE A 91 7.65 -18.46 -28.45
CA ILE A 91 8.05 -18.73 -29.82
C ILE A 91 7.88 -20.21 -30.17
N PRO A 92 6.84 -20.50 -30.95
CA PRO A 92 6.36 -21.87 -31.09
C PRO A 92 7.30 -22.73 -31.93
N GLU A 93 8.02 -22.10 -32.85
CA GLU A 93 9.03 -22.81 -33.66
C GLU A 93 10.21 -23.34 -32.85
N LEU A 94 10.44 -22.75 -31.68
CA LEU A 94 11.50 -23.22 -30.78
C LEU A 94 10.95 -23.87 -29.51
N ASP A 95 9.62 -24.00 -29.44
CA ASP A 95 8.93 -24.51 -28.26
C ASP A 95 9.33 -23.73 -27.00
N PHE A 96 9.45 -22.41 -27.14
CA PHE A 96 9.96 -21.52 -26.10
C PHE A 96 8.81 -20.75 -25.45
N GLU A 97 8.87 -20.62 -24.12
CA GLU A 97 7.88 -19.84 -23.38
C GLU A 97 8.50 -19.03 -22.25
N ILE A 98 8.09 -17.75 -22.17
CA ILE A 98 8.28 -16.94 -20.97
C ILE A 98 6.88 -16.79 -20.34
N PRO A 99 6.60 -17.60 -19.30
CA PRO A 99 5.28 -17.58 -18.69
C PRO A 99 4.95 -16.26 -17.99
N ALA A 100 3.67 -16.05 -17.71
CA ALA A 100 3.23 -14.87 -17.01
C ALA A 100 3.90 -14.81 -15.64
N PHE A 101 4.15 -13.59 -15.17
CA PHE A 101 4.81 -13.30 -13.89
C PHE A 101 6.25 -13.83 -13.73
N SER A 102 6.92 -14.11 -14.85
CA SER A 102 8.33 -14.48 -14.82
C SER A 102 9.15 -13.18 -14.83
N GLN A 103 8.70 -12.21 -15.63
CA GLN A 103 9.39 -10.94 -15.78
C GLN A 103 8.46 -9.83 -15.30
N LYS A 104 9.03 -8.76 -14.76
CA LYS A 104 8.26 -7.58 -14.42
C LYS A 104 7.89 -6.88 -15.72
N GLY A 105 6.93 -5.97 -15.67
CA GLY A 105 6.56 -5.15 -16.82
C GLY A 105 7.75 -4.44 -17.41
N ALA A 106 7.74 -4.27 -18.74
CA ALA A 106 8.89 -3.74 -19.47
C ALA A 106 8.50 -3.12 -20.80
N LEU A 107 9.15 -2.02 -21.14
CA LEU A 107 9.18 -1.55 -22.53
C LEU A 107 10.48 -1.96 -23.21
N THR A 108 10.36 -2.70 -24.31
CA THR A 108 11.52 -3.20 -25.04
C THR A 108 11.27 -3.22 -26.55
N THR A 109 12.04 -4.02 -27.26
CA THR A 109 11.71 -4.39 -28.63
C THR A 109 11.60 -5.89 -28.80
N VAL A 110 11.17 -6.32 -29.98
CA VAL A 110 11.12 -7.75 -30.31
C VAL A 110 12.52 -8.37 -30.17
N GLU A 111 13.53 -7.69 -30.71
CA GLU A 111 14.90 -8.21 -30.63
C GLU A 111 15.39 -8.16 -29.18
N GLY A 112 15.05 -7.09 -28.48
CA GLY A 112 15.37 -6.97 -27.07
C GLY A 112 14.84 -8.13 -26.25
N LEU A 113 13.58 -8.47 -26.45
CA LEU A 113 12.99 -9.65 -25.84
C LEU A 113 13.90 -10.86 -26.01
N ILE A 114 14.36 -11.09 -27.22
CA ILE A 114 15.12 -12.29 -27.55
C ILE A 114 16.53 -12.22 -26.96
N SER A 115 17.12 -11.03 -26.99
CA SER A 115 18.44 -10.79 -26.37
C SER A 115 18.43 -11.00 -24.86
N ARG A 116 17.37 -10.55 -24.19
CA ARG A 116 17.21 -10.75 -22.75
C ARG A 116 17.03 -12.22 -22.38
N ALA A 117 16.30 -12.95 -23.20
CA ALA A 117 16.13 -14.38 -22.99
C ALA A 117 17.48 -15.11 -23.14
N ILE A 118 18.26 -14.73 -24.16
CA ILE A 118 19.60 -15.28 -24.35
C ILE A 118 20.48 -14.98 -23.14
N SER A 119 20.47 -13.73 -22.68
CA SER A 119 21.25 -13.35 -21.51
C SER A 119 20.82 -14.13 -20.26
N GLY A 120 19.51 -14.30 -20.08
CA GLY A 120 18.95 -15.05 -18.96
C GLY A 120 19.42 -16.50 -18.90
N LEU A 121 19.65 -17.10 -20.07
CA LEU A 121 20.18 -18.46 -20.14
C LEU A 121 21.71 -18.48 -20.12
N GLU A 122 22.32 -17.54 -20.83
CA GLU A 122 23.76 -17.55 -21.12
C GLU A 122 24.64 -17.11 -19.94
N GLN A 123 24.15 -16.18 -19.12
CA GLN A 123 25.00 -15.53 -18.14
C GLN A 123 25.59 -16.45 -17.06
N ASP A 124 24.90 -17.54 -16.75
CA ASP A 124 25.34 -18.49 -15.69
C ASP A 124 25.90 -19.79 -16.26
N GLN A 125 26.07 -19.84 -17.57
CA GLN A 125 26.58 -21.04 -18.21
C GLN A 125 27.99 -21.45 -17.77
N PRO A 126 28.89 -20.48 -17.47
CA PRO A 126 30.19 -20.87 -16.92
C PRO A 126 30.07 -21.72 -15.64
N THR A 127 29.17 -21.34 -14.74
CA THR A 127 28.92 -22.11 -13.53
C THR A 127 28.31 -23.46 -13.89
N ARG A 128 27.25 -23.43 -14.71
CA ARG A 128 26.50 -24.66 -15.07
C ARG A 128 27.36 -25.68 -15.78
N ARG A 129 28.22 -25.21 -16.68
CA ARG A 129 29.11 -26.10 -17.42
C ARG A 129 30.12 -26.78 -16.47
N ALA A 130 30.48 -26.07 -15.40
CA ALA A 130 31.39 -26.58 -14.39
C ALA A 130 30.74 -27.62 -13.48
N VAL A 131 29.49 -27.39 -13.08
CA VAL A 131 28.85 -28.24 -12.07
C VAL A 131 27.73 -29.18 -12.58
N GLU A 132 27.07 -28.80 -13.69
CA GLU A 132 26.02 -29.61 -14.32
C GLU A 132 26.24 -29.70 -15.84
N GLY A 133 27.29 -30.41 -16.24
CA GLY A 133 27.70 -30.51 -17.65
C GLY A 133 26.63 -30.87 -18.68
N ALA A 134 25.86 -31.92 -18.42
CA ALA A 134 24.87 -32.41 -19.38
C ALA A 134 23.69 -31.45 -19.58
N ILE A 135 23.17 -30.87 -18.49
CA ILE A 135 22.11 -29.86 -18.62
C ILE A 135 22.61 -28.61 -19.34
N ALA A 136 23.84 -28.21 -19.05
CA ALA A 136 24.45 -27.03 -19.66
C ALA A 136 24.59 -27.19 -21.17
N GLU A 137 24.85 -28.42 -21.60
CA GLU A 137 25.00 -28.73 -23.02
C GLU A 137 23.69 -28.49 -23.78
N ARG A 138 22.57 -28.86 -23.16
CA ARG A 138 21.26 -28.67 -23.79
C ARG A 138 20.81 -27.20 -23.72
N ILE A 139 21.17 -26.51 -22.65
CA ILE A 139 20.99 -25.05 -22.60
C ILE A 139 21.82 -24.35 -23.70
N ASP A 140 23.12 -24.69 -23.82
CA ASP A 140 23.96 -24.16 -24.92
C ASP A 140 23.31 -24.38 -26.30
N GLU A 141 22.79 -25.57 -26.53
CA GLU A 141 22.08 -25.90 -27.78
C GLU A 141 20.84 -25.01 -28.01
N PHE A 142 20.03 -24.81 -26.97
CA PHE A 142 18.89 -23.90 -27.11
C PHE A 142 19.31 -22.44 -27.35
N ILE A 143 20.33 -21.97 -26.63
CA ILE A 143 20.84 -20.60 -26.80
C ILE A 143 21.23 -20.35 -28.27
N GLY A 144 21.85 -21.34 -28.89
CA GLY A 144 22.20 -21.25 -30.30
C GLY A 144 20.99 -21.15 -31.22
N LYS A 145 19.90 -21.83 -30.86
CA LYS A 145 18.65 -21.70 -31.63
C LYS A 145 18.10 -20.28 -31.56
N LEU A 146 18.18 -19.67 -30.38
CA LEU A 146 17.72 -18.29 -30.20
C LEU A 146 18.59 -17.33 -30.97
N LYS A 147 19.90 -17.55 -30.90
CA LYS A 147 20.85 -16.68 -31.59
C LYS A 147 20.66 -16.79 -33.10
N ASP A 148 20.27 -17.97 -33.55
CA ASP A 148 20.02 -18.21 -34.99
C ASP A 148 18.87 -17.37 -35.54
N LEU A 149 17.89 -17.04 -34.70
CA LEU A 149 16.75 -16.23 -35.11
C LEU A 149 17.16 -14.86 -35.65
N LYS A 150 18.26 -14.33 -35.13
CA LYS A 150 18.75 -13.01 -35.51
C LYS A 150 19.33 -12.96 -36.95
N GLN A 151 19.63 -14.13 -37.51
CA GLN A 151 20.18 -14.20 -38.87
C GLN A 151 19.06 -14.23 -39.89
N MET A 152 17.86 -14.57 -39.42
CA MET A 152 16.61 -14.38 -40.18
C MET A 152 16.59 -15.05 -41.55
N ALA A 153 16.99 -16.32 -41.59
CA ALA A 153 16.93 -17.11 -42.83
C ALA A 153 15.53 -17.68 -43.04
N SER A 154 14.82 -17.93 -41.94
CA SER A 154 13.43 -18.39 -41.96
C SER A 154 12.63 -17.48 -41.04
N PRO A 155 11.33 -17.27 -41.33
CA PRO A 155 10.51 -16.49 -40.39
C PRO A 155 10.24 -17.25 -39.10
N PHE A 156 9.90 -16.53 -38.03
CA PHE A 156 9.40 -17.19 -36.83
C PHE A 156 8.21 -16.41 -36.27
N THR A 157 7.46 -17.05 -35.36
CA THR A 157 6.28 -16.43 -34.79
C THR A 157 6.57 -16.02 -33.35
N LEU A 158 6.18 -14.80 -33.01
CA LEU A 158 6.22 -14.36 -31.63
C LEU A 158 4.78 -14.14 -31.19
N VAL A 159 4.39 -14.83 -30.12
CA VAL A 159 3.04 -14.72 -29.57
C VAL A 159 3.14 -14.09 -28.19
N ILE A 160 2.42 -12.98 -28.00
CA ILE A 160 2.31 -12.35 -26.68
C ILE A 160 0.84 -12.32 -26.31
N ASP A 161 0.48 -13.06 -25.27
CA ASP A 161 -0.91 -13.20 -24.87
C ASP A 161 -1.06 -12.63 -23.47
N ASP A 162 -1.87 -11.59 -23.34
CA ASP A 162 -2.07 -10.88 -22.09
C ASP A 162 -3.56 -10.72 -21.74
N PRO A 163 -4.05 -11.45 -20.75
CA PRO A 163 -5.45 -11.29 -20.31
C PRO A 163 -5.85 -9.88 -19.82
N SER A 164 -4.89 -9.05 -19.42
CA SER A 164 -5.20 -7.69 -18.96
C SER A 164 -5.48 -6.75 -20.12
N GLY A 165 -5.03 -7.14 -21.33
CA GLY A 165 -5.15 -6.33 -22.52
C GLY A 165 -4.17 -5.18 -22.64
N ASN A 166 -3.25 -5.04 -21.69
CA ASN A 166 -2.37 -3.85 -21.64
C ASN A 166 -1.06 -3.96 -22.42
N SER A 167 -0.66 -5.18 -22.76
CA SER A 167 0.55 -5.37 -23.58
C SER A 167 0.33 -4.81 -24.96
N PHE A 168 1.44 -4.52 -25.66
CA PHE A 168 1.36 -3.81 -26.94
C PHE A 168 2.53 -4.17 -27.85
N VAL A 169 2.25 -4.34 -29.15
CA VAL A 169 3.28 -4.53 -30.14
C VAL A 169 3.09 -3.49 -31.25
N GLU A 170 4.14 -2.72 -31.52
CA GLU A 170 4.13 -1.63 -32.50
C GLU A 170 3.86 -2.10 -33.94
N ASN A 171 3.12 -1.28 -34.67
CA ASN A 171 2.98 -1.38 -36.11
C ASN A 171 3.90 -0.34 -36.74
N PRO A 172 5.04 -0.78 -37.30
CA PRO A 172 6.01 0.15 -37.82
C PRO A 172 5.55 0.76 -39.16
N HIS A 173 4.48 0.22 -39.73
CA HIS A 173 3.96 0.72 -41.02
C HIS A 173 2.94 1.85 -40.91
N ALA A 174 2.93 2.52 -39.76
CA ALA A 174 2.28 3.84 -39.60
C ALA A 174 0.82 3.61 -39.79
N PRO A 175 0.08 4.55 -40.42
CA PRO A 175 -1.34 4.31 -40.52
C PRO A 175 -1.69 3.15 -41.44
N GLN A 176 -0.71 2.70 -42.23
CA GLN A 176 -0.96 1.59 -43.16
C GLN A 176 -1.17 0.28 -42.41
N LYS A 177 -1.72 -0.71 -43.11
CA LYS A 177 -2.06 -2.01 -42.52
C LYS A 177 -0.83 -2.79 -42.09
N ASP A 178 -1.06 -3.78 -41.21
CA ASP A 178 0.01 -4.59 -40.61
C ASP A 178 -0.39 -6.05 -40.70
N ASN A 179 -0.22 -6.62 -41.88
CA ASN A 179 -0.66 -7.98 -42.15
C ASN A 179 0.16 -9.03 -41.37
N ALA A 180 1.44 -8.75 -41.16
CA ALA A 180 2.35 -9.60 -40.38
C ALA A 180 1.95 -9.79 -38.90
N LEU A 181 1.13 -8.89 -38.36
CA LEU A 181 0.69 -8.97 -36.97
C LEU A 181 -0.80 -9.15 -36.86
N VAL A 182 -1.20 -10.32 -36.36
CA VAL A 182 -2.60 -10.66 -36.14
C VAL A 182 -2.96 -10.42 -34.67
N ILE A 183 -3.91 -9.52 -34.45
CA ILE A 183 -4.34 -9.16 -33.11
C ILE A 183 -5.71 -9.76 -32.82
N THR A 184 -5.81 -10.60 -31.81
CA THR A 184 -7.09 -11.13 -31.39
C THR A 184 -7.45 -10.67 -29.98
N TYR A 185 -8.75 -10.57 -29.74
CA TYR A 185 -9.29 -10.15 -28.45
C TYR A 185 -10.17 -11.25 -27.89
N TYR A 186 -10.12 -11.44 -26.58
CA TYR A 186 -10.90 -12.51 -25.97
C TYR A 186 -11.49 -12.14 -24.63
N ASP A 187 -12.62 -12.76 -24.31
CA ASP A 187 -13.26 -12.61 -23.02
C ASP A 187 -12.53 -13.51 -22.03
N ARG A 188 -12.09 -12.93 -20.92
CA ARG A 188 -11.32 -13.68 -19.93
C ARG A 188 -12.12 -14.81 -19.31
N THR A 189 -11.45 -15.92 -19.06
CA THR A 189 -12.00 -16.99 -18.23
C THR A 189 -11.96 -16.52 -16.78
N PRO A 190 -12.82 -17.10 -15.90
CA PRO A 190 -12.71 -16.76 -14.47
C PRO A 190 -11.29 -16.99 -13.90
N GLN A 191 -10.59 -18.00 -14.42
CA GLN A 191 -9.19 -18.27 -14.06
C GLN A 191 -8.31 -17.05 -14.36
N GLN A 192 -8.45 -16.51 -15.57
CA GLN A 192 -7.70 -15.32 -16.01
C GLN A 192 -8.06 -14.09 -15.18
N ALA A 193 -9.34 -13.91 -14.89
CA ALA A 193 -9.83 -12.80 -14.07
C ALA A 193 -9.27 -12.84 -12.65
N GLU A 194 -9.25 -14.02 -12.02
CA GLU A 194 -8.74 -14.19 -10.67
C GLU A 194 -7.23 -13.96 -10.62
N MET A 195 -6.55 -14.43 -11.68
CA MET A 195 -5.12 -14.21 -11.92
C MET A 195 -4.75 -12.71 -11.88
N LEU A 196 -5.70 -11.85 -12.24
CA LEU A 196 -5.54 -10.40 -12.29
C LEU A 196 -6.05 -9.67 -11.05
N GLY A 197 -6.57 -10.43 -10.08
CA GLY A 197 -7.13 -9.85 -8.85
C GLY A 197 -8.52 -9.27 -9.02
N LEU A 198 -9.26 -9.78 -10.00
CA LEU A 198 -10.65 -9.39 -10.18
C LEU A 198 -11.56 -10.39 -9.48
N GLU A 209 -17.84 0.30 -7.57
CA GLU A 209 -17.83 1.38 -8.54
C GLU A 209 -17.22 2.67 -7.98
N GLU A 210 -17.65 3.12 -6.79
CA GLU A 210 -17.01 4.27 -6.12
C GLU A 210 -16.70 4.02 -4.64
N ASP A 211 -15.59 4.58 -4.15
CA ASP A 211 -15.30 4.61 -2.71
C ASP A 211 -15.21 6.08 -2.26
N LEU A 212 -16.30 6.58 -1.71
CA LEU A 212 -16.39 8.00 -1.36
C LEU A 212 -16.37 8.23 0.16
N ARG A 213 -15.68 7.34 0.88
CA ARG A 213 -15.45 7.54 2.30
C ARG A 213 -14.79 8.88 2.57
N ASN A 214 -15.14 9.50 3.69
CA ASN A 214 -14.39 10.63 4.23
C ASN A 214 -14.00 10.23 5.65
N GLU A 215 -12.82 9.63 5.79
CA GLU A 215 -12.41 9.04 7.05
C GLU A 215 -12.30 10.09 8.16
N VAL A 216 -11.85 11.30 7.79
CA VAL A 216 -11.63 12.41 8.74
C VAL A 216 -11.99 13.74 8.07
N LEU A 217 -12.86 14.50 8.73
CA LEU A 217 -13.13 15.89 8.36
C LEU A 217 -12.93 16.68 9.62
N GLN A 218 -12.17 17.77 9.53
CA GLN A 218 -11.66 18.46 10.71
C GLN A 218 -11.96 19.95 10.66
N PHE A 219 -12.43 20.49 11.77
CA PHE A 219 -12.70 21.94 11.85
C PHE A 219 -12.62 22.47 13.27
N ASN A 220 -12.28 23.76 13.39
CA ASN A 220 -12.29 24.44 14.66
C ASN A 220 -13.69 24.94 14.97
N THR A 221 -14.05 24.86 16.25
CA THR A 221 -15.34 25.32 16.70
C THR A 221 -15.21 25.96 18.10
N ASN A 222 -16.33 26.41 18.66
CA ASN A 222 -16.33 27.17 19.92
C ASN A 222 -15.78 26.42 21.14
N CYS A 223 -15.30 27.20 22.11
CA CYS A 223 -14.98 26.67 23.45
C CYS A 223 -16.29 26.26 24.15
N PRO A 224 -16.42 24.95 24.47
CA PRO A 224 -17.67 24.37 25.01
C PRO A 224 -18.07 24.88 26.39
N GLU A 225 -17.28 25.79 26.98
CA GLU A 225 -17.60 26.37 28.28
C GLU A 225 -17.77 27.88 28.17
N CYS A 226 -16.86 28.52 27.46
CA CYS A 226 -16.80 29.97 27.40
C CYS A 226 -17.31 30.55 26.09
N ASN A 227 -17.61 29.68 25.13
CA ASN A 227 -18.10 30.09 23.80
C ASN A 227 -17.10 30.94 23.01
N ALA A 228 -15.84 30.95 23.43
CA ALA A 228 -14.79 31.64 22.68
C ALA A 228 -14.71 31.06 21.26
N PRO A 229 -14.24 31.85 20.27
CA PRO A 229 -14.31 31.32 18.92
C PRO A 229 -13.07 30.51 18.55
N ALA A 230 -13.31 29.40 17.85
CA ALA A 230 -12.25 28.60 17.23
C ALA A 230 -11.23 28.00 18.21
N GLN A 231 -11.65 27.73 19.44
CA GLN A 231 -10.74 27.20 20.47
C GLN A 231 -10.72 25.67 20.58
N THR A 232 -11.73 25.00 20.02
CA THR A 232 -11.80 23.53 20.03
C THR A 232 -11.63 22.97 18.62
N ASN A 233 -10.68 22.04 18.47
CA ASN A 233 -10.57 21.25 17.24
C ASN A 233 -11.52 20.05 17.28
N MET A 234 -12.34 19.91 16.24
CA MET A 234 -13.33 18.85 16.15
C MET A 234 -12.99 18.00 14.92
N LYS A 235 -12.90 16.68 15.13
CA LYS A 235 -12.62 15.75 14.02
C LYS A 235 -13.75 14.74 13.94
N LEU A 236 -14.43 14.72 12.81
CA LEU A 236 -15.44 13.70 12.56
C LEU A 236 -14.74 12.52 11.90
N VAL A 237 -14.70 11.39 12.60
CA VAL A 237 -13.96 10.21 12.13
C VAL A 237 -14.93 9.08 11.78
N GLN A 238 -14.90 8.68 10.51
CA GLN A 238 -15.85 7.75 9.92
C GLN A 238 -15.03 6.74 9.13
N ILE A 239 -14.37 5.84 9.84
CA ILE A 239 -13.66 4.72 9.21
C ILE A 239 -14.57 3.47 9.07
N PRO A 240 -14.30 2.59 8.07
CA PRO A 240 -15.19 1.44 7.79
C PRO A 240 -15.35 0.43 8.90
N HIS A 241 -14.26 0.03 9.57
CA HIS A 241 -14.36 -1.04 10.58
C HIS A 241 -14.72 -0.57 11.99
N PHE A 242 -15.21 0.66 12.13
CA PHE A 242 -15.51 1.21 13.45
C PHE A 242 -16.62 2.24 13.36
N LYS A 243 -17.38 2.36 14.44
CA LYS A 243 -18.49 3.28 14.50
C LYS A 243 -17.97 4.71 14.35
N GLU A 244 -18.85 5.62 13.93
CA GLU A 244 -18.51 7.02 13.81
C GLU A 244 -18.17 7.54 15.18
N VAL A 245 -17.09 8.30 15.30
CA VAL A 245 -16.81 9.06 16.51
C VAL A 245 -16.43 10.50 16.16
N ILE A 246 -16.56 11.38 17.14
CA ILE A 246 -16.11 12.75 17.04
C ILE A 246 -15.02 12.93 18.08
N ILE A 247 -13.86 13.41 17.64
CA ILE A 247 -12.80 13.70 18.58
C ILE A 247 -12.75 15.19 18.77
N MET A 248 -12.78 15.61 20.03
CA MET A 248 -12.73 17.02 20.38
C MET A 248 -11.50 17.31 21.22
N ALA A 249 -10.67 18.23 20.73
CA ALA A 249 -9.45 18.63 21.42
C ALA A 249 -9.44 20.14 21.66
N THR A 250 -9.68 20.53 22.90
CA THR A 250 -9.71 21.94 23.27
C THR A 250 -8.39 22.40 23.88
N ASN A 251 -8.09 23.68 23.69
CA ASN A 251 -6.95 24.36 24.32
C ASN A 251 -7.22 25.86 24.24
N CYS A 252 -7.92 26.36 25.25
CA CYS A 252 -8.50 27.69 25.26
C CYS A 252 -7.45 28.78 25.49
N GLU A 253 -7.49 29.82 24.65
CA GLU A 253 -6.57 30.96 24.78
C GLU A 253 -7.17 32.09 25.61
N ASN A 254 -8.50 32.12 25.68
CA ASN A 254 -9.22 33.17 26.38
C ASN A 254 -9.66 32.77 27.79
N CYS A 255 -9.55 31.47 28.09
CA CYS A 255 -10.11 30.93 29.33
C CYS A 255 -9.27 29.81 29.95
N GLY A 256 -8.29 29.31 29.18
CA GLY A 256 -7.37 28.27 29.66
C GLY A 256 -7.92 26.85 29.74
N HIS A 257 -9.22 26.70 29.48
CA HIS A 257 -9.91 25.40 29.55
C HIS A 257 -9.37 24.40 28.52
N ARG A 258 -8.87 23.27 29.03
CA ARG A 258 -8.19 22.25 28.23
C ARG A 258 -8.81 20.87 28.41
N THR A 259 -9.23 20.25 27.31
CA THR A 259 -9.77 18.87 27.33
C THR A 259 -9.62 18.10 26.01
N ASN A 260 -9.43 16.79 26.13
CA ASN A 260 -9.55 15.86 25.01
C ASN A 260 -10.68 14.88 25.27
N GLU A 261 -11.58 14.71 24.31
CA GLU A 261 -12.74 13.84 24.47
C GLU A 261 -13.17 13.17 23.17
N VAL A 262 -13.44 11.87 23.23
CA VAL A 262 -13.99 11.11 22.11
C VAL A 262 -15.45 10.80 22.41
N LYS A 263 -16.33 11.10 21.46
CA LYS A 263 -17.76 10.81 21.63
C LYS A 263 -18.32 9.99 20.47
N SER A 264 -19.27 9.13 20.79
CA SER A 264 -19.96 8.30 19.83
C SER A 264 -21.00 9.14 19.11
N GLY A 265 -20.97 9.14 17.78
CA GLY A 265 -21.93 9.91 16.98
C GLY A 265 -23.19 9.16 16.55
N GLY A 266 -23.14 7.83 16.63
CA GLY A 266 -24.24 6.98 16.17
C GLY A 266 -25.29 6.65 17.23
N ALA A 267 -26.32 5.93 16.81
CA ALA A 267 -27.46 5.57 17.66
C ALA A 267 -27.10 4.62 18.81
N VAL A 268 -26.23 3.66 18.51
CA VAL A 268 -25.82 2.65 19.49
C VAL A 268 -25.24 3.30 20.76
N GLU A 269 -25.91 3.10 21.90
CA GLU A 269 -25.35 3.45 23.20
C GLU A 269 -24.23 2.47 23.49
N PRO A 270 -22.98 2.97 23.60
CA PRO A 270 -21.90 2.01 23.65
C PRO A 270 -21.79 1.34 25.02
N LEU A 271 -21.55 0.04 24.99
CA LEU A 271 -21.24 -0.70 26.19
C LEU A 271 -19.75 -0.55 26.44
N GLY A 272 -19.31 -0.99 27.60
CA GLY A 272 -17.90 -1.14 27.88
C GLY A 272 -17.26 -2.11 26.92
N THR A 273 -16.00 -1.86 26.60
CA THR A 273 -15.21 -2.74 25.74
C THR A 273 -13.86 -3.01 26.39
N ARG A 274 -13.52 -4.28 26.53
CA ARG A 274 -12.19 -4.67 26.94
C ARG A 274 -11.56 -5.43 25.79
N ILE A 275 -10.48 -4.89 25.25
CA ILE A 275 -9.78 -5.49 24.11
C ILE A 275 -8.46 -6.01 24.65
N THR A 276 -8.16 -7.28 24.40
CA THR A 276 -6.90 -7.88 24.79
C THR A 276 -6.21 -8.34 23.52
N LEU A 277 -5.04 -7.78 23.26
CA LEU A 277 -4.20 -8.24 22.18
C LEU A 277 -2.94 -8.93 22.72
N HIS A 278 -2.70 -10.15 22.26
CA HIS A 278 -1.41 -10.80 22.50
C HIS A 278 -0.45 -10.34 21.40
N ILE A 279 0.57 -9.58 21.77
CA ILE A 279 1.52 -9.07 20.79
C ILE A 279 2.54 -10.16 20.45
N THR A 280 2.43 -10.70 19.24
CA THR A 280 3.21 -11.91 18.83
C THR A 280 4.12 -11.69 17.63
N ASP A 281 4.00 -10.53 16.99
CA ASP A 281 4.57 -10.28 15.67
C ASP A 281 4.94 -8.81 15.55
N PRO A 282 6.14 -8.50 14.98
CA PRO A 282 6.52 -7.10 14.74
C PRO A 282 5.49 -6.33 13.92
N SER A 283 4.74 -7.05 13.09
CA SER A 283 3.66 -6.47 12.28
C SER A 283 2.56 -5.85 13.15
N ASP A 284 2.42 -6.34 14.37
CA ASP A 284 1.42 -5.81 15.32
C ASP A 284 1.63 -4.32 15.59
N MET A 285 2.86 -3.86 15.38
CA MET A 285 3.24 -2.48 15.70
C MET A 285 2.49 -1.46 14.86
N THR A 286 2.08 -1.85 13.66
CA THR A 286 1.47 -0.92 12.71
C THR A 286 -0.05 -0.88 12.84
N ARG A 287 -0.61 -1.67 13.76
CA ARG A 287 -2.06 -1.69 13.98
C ARG A 287 -2.52 -0.27 14.31
N ASP A 288 -3.61 0.17 13.67
CA ASP A 288 -4.21 1.46 13.97
C ASP A 288 -4.98 1.41 15.30
N LEU A 289 -5.20 2.58 15.89
CA LEU A 289 -5.45 2.69 17.32
C LEU A 289 -5.99 4.06 17.69
N LEU A 290 -7.23 4.09 18.15
CA LEU A 290 -7.77 5.25 18.85
C LEU A 290 -8.00 4.94 20.32
N LYS A 291 -7.42 5.74 21.20
CA LYS A 291 -7.61 5.59 22.62
C LYS A 291 -8.49 6.76 23.04
N SER A 292 -9.60 6.48 23.71
CA SER A 292 -10.44 7.55 24.24
C SER A 292 -9.92 8.06 25.58
N GLU A 293 -10.54 9.13 26.10
CA GLU A 293 -10.18 9.69 27.40
C GLU A 293 -10.72 8.88 28.59
N THR A 294 -11.46 7.81 28.31
CA THR A 294 -11.93 6.92 29.35
C THR A 294 -11.31 5.52 29.21
N CYS A 295 -10.31 5.37 28.35
CA CYS A 295 -9.71 4.06 28.06
C CYS A 295 -8.43 3.81 28.87
N SER A 296 -8.45 2.80 29.75
CA SER A 296 -7.29 2.38 30.51
C SER A 296 -6.46 1.48 29.61
N VAL A 297 -5.14 1.60 29.66
CA VAL A 297 -4.25 0.68 28.93
C VAL A 297 -3.39 -0.08 29.96
N GLU A 298 -3.37 -1.42 29.85
CA GLU A 298 -2.54 -2.24 30.73
C GLU A 298 -1.63 -3.19 29.96
N ILE A 299 -0.39 -3.33 30.45
CA ILE A 299 0.54 -4.35 29.95
C ILE A 299 0.90 -5.22 31.16
N PRO A 300 0.14 -6.31 31.38
CA PRO A 300 0.25 -7.15 32.58
C PRO A 300 1.67 -7.70 32.80
N GLU A 301 2.36 -8.09 31.72
CA GLU A 301 3.73 -8.61 31.83
C GLU A 301 4.71 -7.58 32.43
N LEU A 302 4.42 -6.30 32.20
CA LEU A 302 5.26 -5.23 32.71
C LEU A 302 4.70 -4.58 33.99
N GLU A 303 3.61 -5.16 34.52
CA GLU A 303 2.91 -4.66 35.72
C GLU A 303 2.61 -3.18 35.58
N PHE A 304 2.07 -2.81 34.41
CA PHE A 304 1.92 -1.42 34.06
C PHE A 304 0.48 -1.12 33.66
N GLU A 305 -0.06 -0.02 34.20
CA GLU A 305 -1.33 0.49 33.74
C GLU A 305 -1.30 2.00 33.63
N LEU A 306 -1.83 2.50 32.54
CA LEU A 306 -1.90 3.93 32.25
C LEU A 306 -3.27 4.50 32.69
N GLY A 307 -3.28 5.72 33.22
CA GLY A 307 -4.53 6.39 33.56
C GLY A 307 -5.45 6.55 32.36
N MET A 308 -6.74 6.64 32.60
CA MET A 308 -7.71 6.60 31.49
C MET A 308 -7.63 7.80 30.54
N ALA A 309 -7.24 8.98 31.03
CA ALA A 309 -7.25 10.19 30.20
C ALA A 309 -5.90 10.45 29.55
N VAL A 310 -4.95 9.55 29.79
CA VAL A 310 -3.56 9.78 29.46
C VAL A 310 -3.25 9.30 28.05
N LEU A 311 -2.54 10.18 27.32
CA LEU A 311 -1.91 9.90 26.04
C LEU A 311 -2.88 9.38 25.01
N GLY A 312 -4.11 9.91 25.05
CA GLY A 312 -5.16 9.49 24.14
C GLY A 312 -5.93 10.63 23.46
N GLY A 313 -7.14 10.32 22.99
CA GLY A 313 -7.87 11.20 22.07
C GLY A 313 -7.11 11.34 20.77
N LYS A 314 -6.22 10.39 20.51
CA LYS A 314 -5.28 10.46 19.40
C LYS A 314 -5.43 9.21 18.53
N PHE A 315 -5.62 9.40 17.22
CA PHE A 315 -5.61 8.28 16.30
C PHE A 315 -4.17 8.02 15.94
N THR A 316 -3.69 6.84 16.32
CA THR A 316 -2.28 6.54 16.28
C THR A 316 -2.08 5.09 15.82
N THR A 317 -0.91 4.53 16.11
CA THR A 317 -0.67 3.12 15.87
C THR A 317 -0.18 2.54 17.19
N LEU A 318 -0.15 1.21 17.30
CA LEU A 318 0.35 0.57 18.51
C LEU A 318 1.80 0.98 18.79
N GLU A 319 2.63 1.03 17.75
CA GLU A 319 4.01 1.48 17.94
C GLU A 319 4.06 2.92 18.45
N GLY A 320 3.24 3.79 17.85
CA GLY A 320 3.12 5.19 18.30
C GLY A 320 2.78 5.32 19.77
N LEU A 321 1.77 4.57 20.22
CA LEU A 321 1.37 4.57 21.64
C LEU A 321 2.46 4.07 22.58
N LEU A 322 3.09 2.95 22.24
CA LEU A 322 4.14 2.38 23.11
C LEU A 322 5.33 3.31 23.27
N LYS A 323 5.68 4.00 22.17
CA LYS A 323 6.79 4.94 22.19
C LYS A 323 6.42 6.18 23.00
N ASP A 324 5.17 6.63 22.90
CA ASP A 324 4.66 7.70 23.74
C ASP A 324 4.71 7.30 25.21
N ILE A 325 4.30 6.07 25.51
CA ILE A 325 4.32 5.56 26.88
C ILE A 325 5.75 5.50 27.42
N ARG A 326 6.68 5.09 26.57
CA ARG A 326 8.09 5.01 26.95
C ARG A 326 8.65 6.38 27.30
N GLU A 327 8.27 7.38 26.51
CA GLU A 327 8.69 8.76 26.75
C GLU A 327 8.09 9.29 28.05
N LEU A 328 6.77 9.20 28.17
CA LEU A 328 6.07 9.67 29.37
C LEU A 328 6.66 9.09 30.64
N VAL A 329 6.80 7.77 30.68
CA VAL A 329 7.18 7.06 31.89
C VAL A 329 8.68 7.07 32.19
N THR A 330 9.51 6.81 31.20
CA THR A 330 10.92 6.57 31.47
C THR A 330 11.75 7.84 31.30
N LYS A 331 11.23 8.78 30.51
CA LYS A 331 11.95 10.03 30.25
C LYS A 331 11.46 11.15 31.13
N ASN A 332 10.43 10.89 31.93
CA ASN A 332 9.94 11.86 32.90
C ASN A 332 9.88 11.33 34.33
N PRO A 333 11.00 10.74 34.81
CA PRO A 333 10.99 10.15 36.13
C PRO A 333 10.81 11.17 37.23
N PHE A 334 10.12 10.76 38.29
CA PHE A 334 10.12 11.51 39.54
C PHE A 334 9.96 10.59 40.75
N THR A 335 10.05 11.16 41.95
CA THR A 335 9.73 10.43 43.16
C THR A 335 8.70 11.18 44.00
N LEU A 336 7.60 10.52 44.33
CA LEU A 336 6.58 11.10 45.20
C LEU A 336 6.25 10.16 46.36
N GLY A 337 6.58 10.59 47.58
CA GLY A 337 6.30 9.80 48.77
C GLY A 337 7.50 9.11 49.39
N ASP A 338 8.68 9.26 48.81
CA ASP A 338 9.91 8.78 49.46
C ASP A 338 11.13 9.65 49.13
N SER A 339 12.30 9.22 49.60
CA SER A 339 13.52 9.99 49.44
C SER A 339 14.41 9.43 48.33
N SER A 340 13.92 8.42 47.63
CA SER A 340 14.71 7.77 46.59
C SER A 340 15.07 8.73 45.44
N ASN A 341 16.23 8.47 44.83
CA ASN A 341 16.66 9.19 43.64
C ASN A 341 15.83 8.75 42.41
N PRO A 342 15.06 9.69 41.79
CA PRO A 342 14.17 9.28 40.69
C PRO A 342 14.93 8.76 39.48
N ASP A 343 16.19 9.14 39.37
CA ASP A 343 16.99 8.73 38.22
C ASP A 343 17.67 7.37 38.42
N GLN A 344 17.44 6.75 39.57
CA GLN A 344 18.09 5.48 39.90
C GLN A 344 17.07 4.39 40.24
N SER A 345 15.89 4.46 39.66
CA SER A 345 14.83 3.48 39.95
C SER A 345 15.04 2.18 39.18
N GLU A 346 15.27 1.09 39.90
CA GLU A 346 15.42 -0.22 39.28
C GLU A 346 14.20 -0.58 38.45
N LYS A 347 13.00 -0.36 39.02
CA LYS A 347 11.77 -0.78 38.35
C LYS A 347 11.48 0.04 37.11
N LEU A 348 11.89 1.30 37.11
CA LEU A 348 11.75 2.15 35.94
C LEU A 348 12.71 1.70 34.84
N GLN A 349 13.93 1.36 35.24
CA GLN A 349 14.93 0.87 34.29
C GLN A 349 14.52 -0.48 33.71
N GLU A 350 13.95 -1.34 34.55
CA GLU A 350 13.41 -2.64 34.11
C GLU A 350 12.28 -2.45 33.10
N PHE A 351 11.37 -1.54 33.41
CA PHE A 351 10.25 -1.21 32.53
C PHE A 351 10.72 -0.69 31.18
N SER A 352 11.70 0.22 31.19
CA SER A 352 12.22 0.79 29.95
C SER A 352 12.79 -0.29 29.04
N GLN A 353 13.56 -1.20 29.65
CA GLN A 353 14.22 -2.29 28.91
C GLN A 353 13.20 -3.22 28.24
N LYS A 354 12.23 -3.67 29.03
CA LYS A 354 11.21 -4.60 28.55
C LYS A 354 10.30 -3.97 27.51
N LEU A 355 9.91 -2.72 27.71
CA LEU A 355 9.10 -2.03 26.71
C LEU A 355 9.85 -1.90 25.37
N GLY A 356 11.14 -1.63 25.47
CA GLY A 356 11.99 -1.56 24.29
C GLY A 356 11.98 -2.87 23.54
N GLN A 357 12.03 -3.97 24.30
CA GLN A 357 11.99 -5.32 23.75
C GLN A 357 10.67 -5.64 23.04
N ILE A 358 9.54 -5.23 23.64
CA ILE A 358 8.24 -5.33 22.99
C ILE A 358 8.21 -4.53 21.69
N ILE A 359 8.66 -3.27 21.75
CA ILE A 359 8.68 -2.39 20.57
C ILE A 359 9.51 -2.99 19.42
N GLU A 360 10.64 -3.59 19.76
CA GLU A 360 11.57 -4.18 18.78
C GLU A 360 11.13 -5.57 18.29
N GLY A 361 10.04 -6.10 18.85
CA GLY A 361 9.52 -7.39 18.44
C GLY A 361 10.16 -8.59 19.12
N LYS A 362 11.00 -8.34 20.12
CA LYS A 362 11.79 -9.41 20.75
C LYS A 362 11.18 -9.99 22.03
N MET A 363 10.01 -9.51 22.41
CA MET A 363 9.34 -9.98 23.61
C MET A 363 7.83 -9.95 23.36
N LYS A 364 7.15 -11.04 23.73
CA LYS A 364 5.71 -11.11 23.61
C LYS A 364 5.08 -10.56 24.89
N ALA A 365 3.94 -9.89 24.75
CA ALA A 365 3.21 -9.37 25.89
C ALA A 365 1.77 -9.12 25.51
N HIS A 366 0.92 -9.02 26.52
CA HIS A 366 -0.47 -8.67 26.26
C HIS A 366 -0.64 -7.16 26.41
N PHE A 367 -1.44 -6.60 25.52
CA PHE A 367 -1.78 -5.20 25.52
C PHE A 367 -3.30 -5.15 25.69
N ILE A 368 -3.75 -4.54 26.77
CA ILE A 368 -5.19 -4.48 27.07
C ILE A 368 -5.68 -3.04 27.09
N MET A 369 -6.72 -2.78 26.31
CA MET A 369 -7.41 -1.48 26.30
C MET A 369 -8.81 -1.69 26.87
N ASN A 370 -9.13 -1.00 27.95
CA ASN A 370 -10.41 -1.20 28.64
C ASN A 370 -11.12 0.11 28.78
N ASP A 371 -12.23 0.25 28.05
CA ASP A 371 -12.99 1.49 27.97
C ASP A 371 -14.46 1.24 28.31
N PRO A 372 -14.90 1.68 29.51
CA PRO A 372 -16.30 1.50 29.93
C PRO A 372 -17.31 2.21 29.02
N ALA A 373 -16.83 3.15 28.20
CA ALA A 373 -17.70 3.88 27.27
C ALA A 373 -17.65 3.34 25.85
N GLY A 374 -16.78 2.38 25.58
CA GLY A 374 -16.67 1.76 24.26
C GLY A 374 -16.26 2.68 23.12
N ASN A 375 -15.52 3.75 23.43
CA ASN A 375 -15.11 4.71 22.41
C ASN A 375 -13.70 4.50 21.89
N SER A 376 -13.14 3.32 22.13
CA SER A 376 -11.76 3.07 21.69
C SER A 376 -11.71 2.00 20.61
N TYR A 377 -10.65 2.03 19.80
CA TYR A 377 -10.50 1.12 18.66
C TYR A 377 -9.08 0.55 18.61
N LEU A 378 -8.96 -0.74 18.33
CA LEU A 378 -7.70 -1.36 17.96
C LEU A 378 -7.89 -2.17 16.68
N GLN A 379 -7.06 -1.91 15.67
CA GLN A 379 -7.25 -2.54 14.36
C GLN A 379 -7.19 -4.05 14.46
N ASN A 380 -8.20 -4.71 13.89
CA ASN A 380 -8.15 -6.15 13.65
C ASN A 380 -7.61 -6.35 12.25
N VAL A 381 -6.36 -6.83 12.16
CA VAL A 381 -5.70 -6.98 10.87
C VAL A 381 -6.28 -8.14 10.03
N TYR A 382 -7.17 -8.93 10.63
CA TYR A 382 -7.85 -10.03 9.94
C TYR A 382 -9.29 -9.70 9.54
N ALA A 383 -9.78 -8.53 9.93
CA ALA A 383 -11.17 -8.12 9.67
C ALA A 383 -11.56 -8.38 8.21
N PRO A 384 -12.80 -8.86 7.96
CA PRO A 384 -13.89 -9.10 8.91
C PRO A 384 -13.78 -10.40 9.71
N GLU A 385 -12.77 -11.22 9.40
CA GLU A 385 -12.53 -12.47 10.14
C GLU A 385 -11.98 -12.14 11.54
N ASP A 386 -12.06 -13.10 12.46
CA ASP A 386 -11.56 -12.92 13.82
C ASP A 386 -10.03 -13.01 13.89
N ASP A 387 -9.43 -12.20 14.76
CA ASP A 387 -8.00 -12.23 14.98
C ASP A 387 -7.79 -13.24 16.09
N PRO A 388 -7.04 -14.33 15.82
CA PRO A 388 -6.87 -15.35 16.85
C PRO A 388 -6.19 -14.81 18.12
N GLU A 389 -5.43 -13.74 17.98
CA GLU A 389 -4.63 -13.22 19.09
C GLU A 389 -5.31 -12.01 19.77
N MET A 390 -6.49 -11.63 19.30
CA MET A 390 -7.22 -10.50 19.83
C MET A 390 -8.60 -10.95 20.32
N LYS A 391 -8.92 -10.62 21.57
CA LYS A 391 -10.24 -10.89 22.12
C LYS A 391 -10.90 -9.60 22.61
N VAL A 392 -12.13 -9.38 22.16
CA VAL A 392 -12.90 -8.22 22.55
C VAL A 392 -14.03 -8.71 23.42
N GLU A 393 -14.10 -8.19 24.64
CA GLU A 393 -15.18 -8.49 25.57
C GLU A 393 -16.06 -7.25 25.70
N ARG A 394 -17.38 -7.43 25.69
CA ARG A 394 -18.30 -6.31 25.94
C ARG A 394 -18.96 -6.47 27.30
N TYR A 395 -19.23 -5.35 27.96
CA TYR A 395 -19.79 -5.38 29.31
C TYR A 395 -20.52 -4.07 29.60
N LYS A 396 -21.42 -4.10 30.57
CA LYS A 396 -22.15 -2.91 30.96
C LYS A 396 -21.58 -2.34 32.25
N ARG A 397 -21.24 -1.06 32.20
CA ARG A 397 -20.71 -0.37 33.37
C ARG A 397 -21.89 0.33 34.07
N THR A 398 -22.21 -0.11 35.28
CA THR A 398 -23.36 0.42 36.01
C THR A 398 -22.97 1.29 37.20
N PHE A 399 -21.69 1.23 37.57
CA PHE A 399 -21.24 1.89 38.78
C PHE A 399 -19.98 2.70 38.52
N ASP A 400 -20.04 3.97 38.91
CA ASP A 400 -18.89 4.87 38.87
C ASP A 400 -18.55 5.24 40.30
N GLN A 401 -17.40 4.81 40.76
CA GLN A 401 -16.96 5.10 42.12
C GLN A 401 -16.70 6.58 42.41
N ASN A 402 -16.51 7.37 41.35
CA ASN A 402 -16.33 8.82 41.50
C ASN A 402 -17.66 9.59 41.64
N GLU A 403 -18.77 8.87 41.47
CA GLU A 403 -20.15 9.34 41.70
C GLU A 403 -20.97 9.51 40.41
N GLU A 404 -21.90 8.59 40.19
CA GLU A 404 -22.79 8.62 39.03
C GLU A 404 -24.26 8.61 39.46
#